data_3KNX
#
_entry.id   3KNX
#
_cell.length_a   223.587
_cell.length_b   223.587
_cell.length_c   75.282
_cell.angle_alpha   90.00
_cell.angle_beta   90.00
_cell.angle_gamma   120.00
#
_symmetry.space_group_name_H-M   'H 3 2'
#
loop_
_entity.id
_entity.type
_entity.pdbx_description
1 polymer 'HCV NS3 Protease'
2 polymer 'HCV NS4a peptide'
3 non-polymer 'ZINC ION'
4 non-polymer (2R)-2-{(3S,13S,16aS,17aR,17bS)-13-[({(1S)-1-[(4,4-dimethyl-2,6-dioxopiperidin-1-yl)methyl]-2,2-dimethylpropyl}carbamoyl)amino]-17,17-dimethyl-1,14-dioxooctadecahydro-2H-cyclopropa[3,4]pyrrolo[1,2-a][1,4]diazacyclohexadecin-3-yl}-2-hydroxy-N-prop-2-en-1-ylethanamide
5 non-polymer BETA-MERCAPTOETHANOL
6 water water
#
loop_
_entity_poly.entity_id
_entity_poly.type
_entity_poly.pdbx_seq_one_letter_code
_entity_poly.pdbx_strand_id
1 'polypeptide(L)'
;MASMTGGQQMGAPITAYAQQTRGLLGCIITSLTGRDKNQVEGEVQIVSTATQTFLATCINGVCWTVYHGAGTRTIASPKG
PVIQMYTNVDQDLVGWPAPQGSRSLTPCTCGSSDLYLVTRHADVIPVRRRGDSRGSLLSPRPISYLKGSSGGPLLCPAGH
AVGLFRAAVCTRGVAKAVDFIPVENLETTMRSGSHHHHHH
;
A,C
2 'polypeptide(L)' KKGSVVIVGRIVLSGKPAIIPKK B,D
#
# COMPACT_ATOMS: atom_id res chain seq x y z
N ALA A 12 -11.02 -5.69 0.07
CA ALA A 12 -10.24 -4.44 0.39
C ALA A 12 -8.97 -4.38 -0.46
N PRO A 13 -8.50 -3.16 -0.75
CA PRO A 13 -7.29 -2.94 -1.54
C PRO A 13 -6.03 -3.24 -0.74
N ILE A 14 -4.96 -3.62 -1.43
CA ILE A 14 -3.68 -3.93 -0.81
C ILE A 14 -3.03 -2.62 -0.35
N THR A 15 -2.91 -2.45 0.96
CA THR A 15 -2.28 -1.27 1.50
C THR A 15 -1.24 -1.79 2.47
N ALA A 16 -0.22 -0.99 2.73
CA ALA A 16 0.83 -1.41 3.63
C ALA A 16 1.56 -0.23 4.23
N TYR A 17 2.22 -0.47 5.34
CA TYR A 17 3.00 0.57 5.98
C TYR A 17 4.32 -0.03 6.42
N ALA A 18 5.23 0.82 6.85
CA ALA A 18 6.53 0.37 7.27
C ALA A 18 6.88 1.00 8.61
N GLN A 19 7.60 0.24 9.42
CA GLN A 19 8.03 0.69 10.73
C GLN A 19 9.45 0.23 10.90
N GLN A 20 10.36 1.17 11.20
CA GLN A 20 11.74 0.81 11.41
C GLN A 20 11.88 0.43 12.88
N THR A 21 12.33 -0.79 13.15
CA THR A 21 12.47 -1.26 14.51
C THR A 21 13.84 -1.01 15.15
N ARG A 22 14.87 -0.77 14.34
CA ARG A 22 16.19 -0.49 14.90
C ARG A 22 17.17 0.19 13.96
N GLY A 23 18.14 0.87 14.56
CA GLY A 23 19.14 1.62 13.84
C GLY A 23 20.50 0.99 13.63
N LEU A 24 21.33 1.69 12.88
CA LEU A 24 22.67 1.25 12.53
C LEU A 24 23.48 0.52 13.59
N LEU A 25 23.61 1.14 14.76
CA LEU A 25 24.38 0.55 15.84
C LEU A 25 23.77 -0.70 16.45
N GLY A 26 22.49 -0.63 16.78
CA GLY A 26 21.80 -1.77 17.35
C GLY A 26 21.82 -2.95 16.40
N CYS A 27 21.69 -2.65 15.12
CA CYS A 27 21.70 -3.65 14.08
C CYS A 27 23.06 -4.36 14.12
N ILE A 28 24.14 -3.58 14.01
CA ILE A 28 25.50 -4.13 14.06
C ILE A 28 25.72 -5.00 15.29
N ILE A 29 25.39 -4.48 16.47
CA ILE A 29 25.57 -5.26 17.68
C ILE A 29 24.84 -6.59 17.53
N THR A 30 23.58 -6.50 17.14
CA THR A 30 22.73 -7.68 16.97
C THR A 30 23.26 -8.63 15.90
N SER A 31 23.98 -8.09 14.93
CA SER A 31 24.52 -8.89 13.85
C SER A 31 25.59 -9.82 14.44
N LEU A 32 26.40 -9.28 15.34
CA LEU A 32 27.47 -10.05 16.01
C LEU A 32 26.89 -10.91 17.12
N THR A 33 26.09 -10.29 17.98
CA THR A 33 25.44 -10.95 19.12
C THR A 33 24.53 -12.09 18.72
N GLY A 34 23.89 -11.96 17.57
CA GLY A 34 22.98 -13.01 17.11
C GLY A 34 21.71 -13.17 17.94
N ARG A 35 21.46 -12.24 18.86
CA ARG A 35 20.28 -12.31 19.68
C ARG A 35 19.40 -11.08 19.51
N ASP A 36 18.23 -11.25 18.91
CA ASP A 36 17.29 -10.15 18.68
C ASP A 36 16.14 -10.31 19.66
N LYS A 37 16.05 -9.38 20.60
CA LYS A 37 15.01 -9.42 21.61
C LYS A 37 13.75 -8.61 21.28
N ASN A 38 13.75 -7.88 20.16
CA ASN A 38 12.61 -7.07 19.74
C ASN A 38 11.42 -7.91 19.35
N GLN A 39 10.25 -7.28 19.33
CA GLN A 39 8.98 -7.94 19.00
C GLN A 39 8.78 -7.91 17.50
N VAL A 40 8.23 -8.99 16.95
CA VAL A 40 8.02 -9.07 15.51
C VAL A 40 6.54 -9.02 15.09
N GLU A 41 6.27 -8.22 14.07
CA GLU A 41 4.93 -8.06 13.53
C GLU A 41 5.08 -7.93 12.02
N GLY A 42 4.06 -8.31 11.27
CA GLY A 42 4.13 -8.16 9.84
C GLY A 42 4.31 -9.42 9.04
N GLU A 43 4.16 -9.26 7.73
CA GLU A 43 4.27 -10.36 6.78
C GLU A 43 5.59 -10.25 6.01
N VAL A 44 6.25 -9.11 6.12
CA VAL A 44 7.49 -8.88 5.40
C VAL A 44 8.45 -8.16 6.34
N GLN A 45 9.58 -8.78 6.62
CA GLN A 45 10.56 -8.18 7.51
C GLN A 45 11.59 -7.41 6.69
N ILE A 46 11.95 -6.22 7.16
CA ILE A 46 12.97 -5.39 6.51
C ILE A 46 14.27 -5.94 7.12
N VAL A 47 14.96 -6.74 6.31
CA VAL A 47 16.16 -7.42 6.71
C VAL A 47 17.45 -6.66 6.39
N SER A 48 18.48 -6.84 7.21
CA SER A 48 19.74 -6.16 6.99
C SER A 48 20.94 -7.03 7.37
N THR A 49 22.02 -6.86 6.62
CA THR A 49 23.28 -7.58 6.86
C THR A 49 24.23 -6.43 7.14
N ALA A 50 25.54 -6.70 7.10
CA ALA A 50 26.53 -5.65 7.32
C ALA A 50 26.76 -4.86 6.03
N THR A 51 26.49 -5.50 4.91
CA THR A 51 26.67 -4.92 3.59
C THR A 51 25.44 -4.25 2.98
N GLN A 52 24.28 -4.90 3.09
CA GLN A 52 23.07 -4.35 2.50
C GLN A 52 21.79 -4.61 3.29
N THR A 53 20.68 -4.06 2.79
CA THR A 53 19.38 -4.22 3.40
C THR A 53 18.37 -4.58 2.32
N PHE A 54 17.39 -5.40 2.68
CA PHE A 54 16.39 -5.85 1.74
C PHE A 54 15.19 -6.37 2.50
N LEU A 55 14.40 -7.24 1.87
CA LEU A 55 13.21 -7.76 2.52
C LEU A 55 13.20 -9.26 2.60
N ALA A 56 12.42 -9.77 3.55
CA ALA A 56 12.23 -11.20 3.75
C ALA A 56 10.74 -11.34 3.94
N THR A 57 10.09 -12.17 3.11
CA THR A 57 8.66 -12.36 3.21
C THR A 57 8.28 -13.67 3.87
N CYS A 58 7.26 -13.61 4.73
CA CYS A 58 6.80 -14.79 5.43
C CYS A 58 5.64 -15.46 4.70
N ILE A 59 5.92 -16.58 4.04
CA ILE A 59 4.88 -17.27 3.30
C ILE A 59 4.76 -18.66 3.89
N ASN A 60 3.58 -18.96 4.41
CA ASN A 60 3.27 -20.26 5.03
C ASN A 60 4.27 -20.72 6.10
N GLY A 61 4.32 -20.00 7.20
CA GLY A 61 5.21 -20.38 8.29
C GLY A 61 6.71 -20.26 8.10
N VAL A 62 7.16 -19.85 6.92
CA VAL A 62 8.59 -19.72 6.68
C VAL A 62 8.89 -18.30 6.19
N CYS A 63 10.04 -17.79 6.62
CA CYS A 63 10.49 -16.44 6.27
C CYS A 63 11.54 -16.53 5.16
N TRP A 64 11.10 -16.43 3.91
CA TRP A 64 11.94 -16.49 2.73
C TRP A 64 12.56 -15.18 2.33
N THR A 65 13.77 -15.25 1.79
CA THR A 65 14.42 -14.06 1.29
C THR A 65 15.29 -14.47 0.11
N VAL A 66 15.86 -13.49 -0.57
CA VAL A 66 16.68 -13.77 -1.73
C VAL A 66 18.10 -14.19 -1.30
N TYR A 67 18.55 -15.33 -1.81
CA TYR A 67 19.89 -15.88 -1.50
C TYR A 67 21.05 -14.93 -1.71
N HIS A 68 21.03 -14.15 -2.78
CA HIS A 68 22.10 -13.20 -3.07
C HIS A 68 22.12 -12.01 -2.10
N GLY A 69 21.51 -12.19 -0.94
CA GLY A 69 21.47 -11.14 0.05
C GLY A 69 21.76 -11.75 1.42
N ALA A 70 21.04 -12.83 1.75
CA ALA A 70 21.20 -13.52 3.02
C ALA A 70 22.35 -14.50 2.98
N GLY A 71 22.66 -14.99 1.80
CA GLY A 71 23.73 -15.94 1.64
C GLY A 71 23.34 -17.16 2.45
N THR A 72 24.29 -17.71 3.19
CA THR A 72 23.96 -18.84 4.01
C THR A 72 24.05 -18.43 5.50
N ARG A 73 23.84 -17.13 5.74
CA ARG A 73 23.86 -16.56 7.08
C ARG A 73 22.73 -17.09 7.92
N THR A 74 22.76 -16.75 9.20
CA THR A 74 21.73 -17.15 10.14
C THR A 74 20.90 -15.90 10.46
N ILE A 75 19.66 -16.06 10.87
CA ILE A 75 18.89 -14.88 11.20
C ILE A 75 18.94 -14.75 12.72
N ALA A 76 19.05 -13.52 13.20
CA ALA A 76 19.10 -13.29 14.63
C ALA A 76 17.71 -13.43 15.23
N SER A 77 17.60 -14.18 16.30
CA SER A 77 16.32 -14.39 16.99
C SER A 77 16.54 -14.18 18.49
N PRO A 78 15.46 -14.19 19.29
CA PRO A 78 15.67 -13.99 20.72
C PRO A 78 16.44 -15.11 21.34
N LYS A 79 16.36 -16.30 20.75
CA LYS A 79 17.07 -17.46 21.26
C LYS A 79 18.42 -17.63 20.55
N GLY A 80 18.99 -16.50 20.13
CA GLY A 80 20.26 -16.52 19.42
C GLY A 80 20.09 -16.73 17.92
N PRO A 81 21.18 -17.01 17.20
CA PRO A 81 21.15 -17.23 15.76
C PRO A 81 20.31 -18.42 15.40
N VAL A 82 19.57 -18.30 14.31
CA VAL A 82 18.74 -19.37 13.82
C VAL A 82 19.29 -19.81 12.48
N ILE A 83 19.63 -21.10 12.39
CA ILE A 83 20.17 -21.67 11.18
C ILE A 83 19.06 -21.71 10.14
N GLN A 84 19.39 -21.46 8.88
CA GLN A 84 18.40 -21.47 7.80
C GLN A 84 17.82 -22.86 7.67
N MET A 85 16.55 -22.95 7.30
CA MET A 85 15.99 -24.27 7.09
C MET A 85 15.98 -24.63 5.61
N TYR A 86 16.26 -23.65 4.75
CA TYR A 86 16.37 -23.88 3.30
C TYR A 86 17.39 -22.91 2.72
N THR A 87 18.22 -23.43 1.83
CA THR A 87 19.25 -22.64 1.13
C THR A 87 19.17 -23.23 -0.26
N ASN A 88 19.41 -22.43 -1.29
CA ASN A 88 19.33 -22.95 -2.64
C ASN A 88 19.96 -21.98 -3.62
N VAL A 89 21.28 -21.99 -3.67
CA VAL A 89 22.04 -21.09 -4.53
C VAL A 89 21.48 -20.96 -5.95
N ASP A 90 20.96 -22.05 -6.48
CA ASP A 90 20.42 -22.06 -7.83
C ASP A 90 19.06 -21.43 -7.95
N GLN A 91 18.17 -21.71 -7.00
CA GLN A 91 16.83 -21.14 -7.02
C GLN A 91 16.92 -19.72 -6.49
N ASP A 92 18.10 -19.39 -5.97
CA ASP A 92 18.42 -18.08 -5.38
C ASP A 92 17.48 -17.82 -4.22
N LEU A 93 17.35 -18.82 -3.35
CA LEU A 93 16.46 -18.73 -2.19
C LEU A 93 17.08 -19.23 -0.90
N VAL A 94 16.60 -18.70 0.22
CA VAL A 94 16.99 -19.14 1.56
C VAL A 94 15.71 -18.97 2.37
N GLY A 95 15.61 -19.66 3.50
CA GLY A 95 14.43 -19.57 4.33
C GLY A 95 14.71 -20.00 5.74
N TRP A 96 14.12 -19.30 6.70
CA TRP A 96 14.28 -19.60 8.12
C TRP A 96 12.88 -19.75 8.66
N PRO A 97 12.72 -20.32 9.87
CA PRO A 97 11.34 -20.44 10.37
C PRO A 97 10.86 -19.00 10.58
N ALA A 98 9.66 -18.68 10.16
CA ALA A 98 9.12 -17.33 10.35
C ALA A 98 9.28 -16.93 11.82
N PRO A 99 9.86 -15.74 12.07
CA PRO A 99 10.04 -15.31 13.46
C PRO A 99 8.74 -15.27 14.25
N GLN A 100 8.82 -15.68 15.51
CA GLN A 100 7.67 -15.69 16.41
C GLN A 100 7.14 -14.26 16.46
N GLY A 101 5.92 -14.09 15.97
CA GLY A 101 5.30 -12.78 15.94
C GLY A 101 4.75 -12.40 14.57
N SER A 102 5.47 -12.78 13.53
CA SER A 102 5.07 -12.47 12.17
C SER A 102 3.78 -13.17 11.78
N ARG A 103 3.22 -12.76 10.64
CA ARG A 103 1.99 -13.31 10.09
C ARG A 103 2.39 -13.76 8.68
N SER A 104 1.87 -14.89 8.21
CA SER A 104 2.25 -15.37 6.89
C SER A 104 1.22 -15.16 5.80
N LEU A 105 1.72 -15.04 4.57
CA LEU A 105 0.90 -14.90 3.38
C LEU A 105 0.70 -16.32 2.90
N THR A 106 -0.23 -16.53 1.99
CA THR A 106 -0.45 -17.86 1.43
C THR A 106 -0.24 -17.70 -0.07
N PRO A 107 0.17 -18.77 -0.76
CA PRO A 107 0.41 -18.73 -2.21
C PRO A 107 -0.88 -18.46 -3.01
N CYS A 108 -0.72 -17.90 -4.20
CA CYS A 108 -1.85 -17.59 -5.06
C CYS A 108 -2.46 -18.86 -5.65
N THR A 109 -3.77 -18.81 -5.82
CA THR A 109 -4.54 -19.93 -6.38
C THR A 109 -5.64 -19.35 -7.28
N CYS A 110 -5.22 -18.44 -8.15
CA CYS A 110 -6.13 -17.79 -9.09
C CYS A 110 -5.37 -17.45 -10.36
N GLY A 111 -4.10 -17.82 -10.38
CA GLY A 111 -3.26 -17.55 -11.52
C GLY A 111 -3.46 -16.18 -12.16
N SER A 112 -3.69 -15.16 -11.33
CA SER A 112 -3.88 -13.81 -11.85
C SER A 112 -2.58 -13.35 -12.49
N SER A 113 -2.69 -12.47 -13.47
CA SER A 113 -1.50 -11.96 -14.14
C SER A 113 -1.30 -10.49 -13.79
N ASP A 114 -2.20 -9.96 -12.97
CA ASP A 114 -2.11 -8.58 -12.52
C ASP A 114 -1.57 -8.67 -11.10
N LEU A 115 -0.26 -8.49 -10.99
CA LEU A 115 0.43 -8.60 -9.72
C LEU A 115 0.77 -7.23 -9.17
N TYR A 116 1.10 -7.18 -7.89
CA TYR A 116 1.47 -5.96 -7.21
C TYR A 116 2.73 -6.26 -6.42
N LEU A 117 3.68 -5.32 -6.44
CA LEU A 117 4.95 -5.47 -5.73
C LEU A 117 5.01 -4.50 -4.56
N VAL A 118 5.21 -5.04 -3.37
CA VAL A 118 5.29 -4.25 -2.15
C VAL A 118 6.77 -3.93 -2.02
N THR A 119 7.10 -2.64 -2.05
CA THR A 119 8.49 -2.23 -1.99
C THR A 119 8.96 -1.97 -0.57
N ARG A 120 10.28 -1.91 -0.41
CA ARG A 120 10.90 -1.65 0.90
C ARG A 120 10.35 -0.41 1.58
N HIS A 121 9.77 0.49 0.79
CA HIS A 121 9.20 1.72 1.32
C HIS A 121 7.71 1.51 1.56
N ALA A 122 7.28 0.26 1.56
CA ALA A 122 5.89 -0.08 1.75
C ALA A 122 4.97 0.52 0.68
N ASP A 123 5.46 0.63 -0.55
CA ASP A 123 4.65 1.13 -1.65
C ASP A 123 4.28 -0.09 -2.48
N VAL A 124 3.03 -0.21 -2.88
CA VAL A 124 2.62 -1.35 -3.69
C VAL A 124 2.45 -0.85 -5.13
N ILE A 125 3.29 -1.35 -6.01
CA ILE A 125 3.26 -0.96 -7.41
C ILE A 125 2.89 -2.11 -8.32
N PRO A 126 2.13 -1.83 -9.38
CA PRO A 126 1.68 -2.85 -10.34
C PRO A 126 2.72 -3.35 -11.35
N VAL A 127 2.69 -4.66 -11.58
CA VAL A 127 3.59 -5.33 -12.52
C VAL A 127 2.73 -6.36 -13.28
N ARG A 128 2.68 -6.25 -14.61
CA ARG A 128 1.89 -7.17 -15.43
C ARG A 128 2.70 -8.42 -15.76
N ARG A 129 2.27 -9.54 -15.21
CA ARG A 129 2.94 -10.83 -15.43
C ARG A 129 3.13 -11.03 -16.92
N ARG A 130 4.37 -11.30 -17.32
CA ARG A 130 4.71 -11.51 -18.73
C ARG A 130 5.37 -12.87 -18.92
N GLY A 131 5.31 -13.73 -17.91
CA GLY A 131 5.93 -15.03 -18.01
C GLY A 131 6.04 -15.63 -16.63
N ASP A 132 6.89 -16.64 -16.48
CA ASP A 132 7.02 -17.29 -15.18
C ASP A 132 7.79 -16.47 -14.17
N SER A 133 8.67 -15.60 -14.64
CA SER A 133 9.47 -14.79 -13.74
C SER A 133 9.56 -13.32 -14.11
N ARG A 134 8.78 -12.89 -15.08
CA ARG A 134 8.83 -11.49 -15.48
C ARG A 134 7.49 -10.82 -15.36
N GLY A 135 7.53 -9.50 -15.30
CA GLY A 135 6.33 -8.71 -15.20
C GLY A 135 6.74 -7.32 -15.65
N SER A 136 5.81 -6.57 -16.21
CA SER A 136 6.08 -5.22 -16.69
C SER A 136 5.53 -4.13 -15.77
N LEU A 137 6.41 -3.25 -15.29
CA LEU A 137 6.00 -2.15 -14.43
C LEU A 137 5.09 -1.30 -15.30
N LEU A 138 3.79 -1.25 -14.98
CA LEU A 138 2.85 -0.46 -15.75
C LEU A 138 3.24 1.02 -15.74
N SER A 139 4.06 1.38 -14.77
CA SER A 139 4.59 2.73 -14.64
C SER A 139 5.98 2.58 -14.06
N PRO A 140 7.01 2.53 -14.93
CA PRO A 140 8.43 2.38 -14.60
C PRO A 140 8.94 3.32 -13.51
N ARG A 141 9.95 2.84 -12.80
CA ARG A 141 10.54 3.61 -11.72
C ARG A 141 12.04 3.50 -11.87
N PRO A 142 12.79 4.45 -11.29
CA PRO A 142 14.25 4.35 -11.41
C PRO A 142 14.73 3.24 -10.45
N ILE A 143 15.82 2.57 -10.78
CA ILE A 143 16.34 1.49 -9.95
C ILE A 143 16.64 1.83 -8.49
N SER A 144 17.08 3.07 -8.23
CA SER A 144 17.38 3.47 -6.86
C SER A 144 16.15 3.26 -5.99
N TYR A 145 14.97 3.43 -6.58
CA TYR A 145 13.72 3.23 -5.85
C TYR A 145 13.56 1.77 -5.43
N LEU A 146 13.73 0.88 -6.41
CA LEU A 146 13.62 -0.57 -6.21
C LEU A 146 14.70 -1.17 -5.31
N LYS A 147 15.77 -0.43 -5.05
CA LYS A 147 16.83 -0.94 -4.18
C LYS A 147 16.27 -1.27 -2.81
N GLY A 148 16.72 -2.39 -2.27
CA GLY A 148 16.25 -2.83 -0.96
C GLY A 148 14.95 -3.60 -1.00
N SER A 149 14.38 -3.77 -2.19
CA SER A 149 13.11 -4.49 -2.31
C SER A 149 13.24 -5.99 -2.65
N SER A 150 14.47 -6.50 -2.71
CA SER A 150 14.71 -7.91 -3.05
C SER A 150 14.25 -8.81 -1.92
N GLY A 151 13.46 -9.82 -2.30
CA GLY A 151 12.90 -10.71 -1.30
C GLY A 151 11.50 -10.26 -0.92
N GLY A 152 11.04 -9.14 -1.49
CA GLY A 152 9.72 -8.64 -1.19
C GLY A 152 8.64 -9.44 -1.90
N PRO A 153 7.37 -9.29 -1.52
CA PRO A 153 6.34 -10.08 -2.19
C PRO A 153 5.69 -9.50 -3.45
N LEU A 154 5.18 -10.40 -4.30
CA LEU A 154 4.44 -10.04 -5.51
C LEU A 154 3.09 -10.68 -5.26
N LEU A 155 2.12 -9.83 -4.92
CA LEU A 155 0.76 -10.24 -4.58
C LEU A 155 -0.22 -10.18 -5.76
N CYS A 156 -1.10 -11.18 -5.84
CA CYS A 156 -2.13 -11.21 -6.88
C CYS A 156 -3.19 -10.29 -6.27
N PRO A 157 -4.18 -9.85 -7.06
CA PRO A 157 -5.23 -8.95 -6.57
C PRO A 157 -5.86 -9.34 -5.24
N ALA A 158 -5.69 -10.60 -4.86
CA ALA A 158 -6.27 -11.08 -3.61
C ALA A 158 -5.33 -10.94 -2.41
N GLY A 159 -4.08 -10.59 -2.67
CA GLY A 159 -3.09 -10.44 -1.61
C GLY A 159 -2.33 -11.70 -1.26
N HIS A 160 -2.32 -12.63 -2.20
CA HIS A 160 -1.61 -13.88 -1.99
C HIS A 160 -0.33 -13.88 -2.77
N ALA A 161 0.68 -14.52 -2.20
CA ALA A 161 2.00 -14.57 -2.81
C ALA A 161 2.05 -15.27 -4.16
N VAL A 162 2.61 -14.55 -5.13
CA VAL A 162 2.78 -15.04 -6.48
C VAL A 162 4.27 -15.21 -6.67
N GLY A 163 5.05 -14.31 -6.08
CA GLY A 163 6.47 -14.40 -6.21
C GLY A 163 7.22 -13.45 -5.31
N LEU A 164 8.55 -13.53 -5.39
CA LEU A 164 9.47 -12.72 -4.61
C LEU A 164 10.35 -11.94 -5.58
N PHE A 165 10.39 -10.62 -5.42
CA PHE A 165 11.20 -9.75 -6.26
C PHE A 165 12.67 -10.15 -6.18
N ARG A 166 13.30 -10.36 -7.33
CA ARG A 166 14.71 -10.78 -7.35
C ARG A 166 15.65 -9.76 -7.99
N ALA A 167 15.32 -9.35 -9.19
CA ALA A 167 16.15 -8.42 -9.92
C ALA A 167 15.29 -7.45 -10.69
N ALA A 168 15.90 -6.35 -11.11
CA ALA A 168 15.19 -5.35 -11.88
C ALA A 168 15.64 -5.38 -13.32
N VAL A 169 14.70 -5.30 -14.26
CA VAL A 169 15.02 -5.26 -15.68
C VAL A 169 15.08 -3.76 -16.00
N CYS A 170 16.30 -3.23 -15.96
CA CYS A 170 16.54 -1.81 -16.16
C CYS A 170 17.51 -1.44 -17.28
N THR A 171 17.40 -0.19 -17.71
CA THR A 171 18.24 0.38 -18.75
C THR A 171 18.28 1.90 -18.52
N ARG A 172 19.48 2.47 -18.55
CA ARG A 172 19.69 3.91 -18.34
C ARG A 172 19.32 4.30 -16.91
N GLY A 173 19.27 3.30 -16.05
CA GLY A 173 18.95 3.54 -14.65
C GLY A 173 17.47 3.54 -14.34
N VAL A 174 16.65 3.08 -15.27
CA VAL A 174 15.21 3.03 -15.05
C VAL A 174 14.68 1.63 -15.30
N ALA A 175 13.95 1.10 -14.32
CA ALA A 175 13.40 -0.24 -14.39
C ALA A 175 12.07 -0.28 -15.13
N LYS A 176 12.05 -1.01 -16.23
CA LYS A 176 10.86 -1.15 -17.04
C LYS A 176 10.13 -2.40 -16.54
N ALA A 177 10.89 -3.44 -16.24
CA ALA A 177 10.33 -4.69 -15.78
C ALA A 177 11.04 -5.24 -14.55
N VAL A 178 10.56 -6.40 -14.08
CA VAL A 178 11.14 -7.06 -12.90
C VAL A 178 11.19 -8.58 -13.04
N ASP A 179 12.27 -9.16 -12.54
CA ASP A 179 12.46 -10.60 -12.55
C ASP A 179 12.17 -11.11 -11.13
N PHE A 180 11.34 -12.13 -11.01
CA PHE A 180 11.00 -12.67 -9.70
C PHE A 180 11.07 -14.20 -9.57
N ILE A 181 10.95 -14.67 -8.34
CA ILE A 181 10.97 -16.11 -8.03
C ILE A 181 9.52 -16.56 -7.76
N PRO A 182 8.92 -17.37 -8.67
CA PRO A 182 7.55 -17.87 -8.55
C PRO A 182 7.37 -18.69 -7.26
N VAL A 183 6.22 -18.58 -6.61
CA VAL A 183 5.99 -19.32 -5.38
C VAL A 183 6.31 -20.80 -5.54
N GLU A 184 6.16 -21.29 -6.74
CA GLU A 184 6.40 -22.68 -7.05
C GLU A 184 7.83 -23.11 -6.74
N ASN A 185 8.78 -22.23 -6.96
CA ASN A 185 10.17 -22.54 -6.68
C ASN A 185 10.42 -22.66 -5.20
N LEU A 186 9.59 -22.02 -4.39
CA LEU A 186 9.74 -22.11 -2.94
C LEU A 186 9.35 -23.53 -2.57
N GLU A 187 8.12 -23.90 -2.94
CA GLU A 187 7.57 -25.23 -2.70
C GLU A 187 8.57 -26.29 -3.19
N THR A 188 9.10 -26.11 -4.39
CA THR A 188 10.09 -27.02 -4.96
C THR A 188 11.32 -27.05 -4.06
N THR A 189 11.84 -25.87 -3.72
CA THR A 189 13.02 -25.74 -2.88
C THR A 189 12.79 -26.40 -1.53
N MET A 190 11.53 -26.44 -1.12
CA MET A 190 11.16 -27.04 0.14
C MET A 190 11.31 -28.54 0.10
N ARG A 191 10.83 -29.14 -0.99
CA ARG A 191 10.88 -30.59 -1.16
C ARG A 191 12.28 -31.11 -1.56
N SER A 192 13.19 -30.19 -1.85
CA SER A 192 14.55 -30.55 -2.24
C SER A 192 15.54 -30.27 -1.10
N LYS B 2 30.97 -14.22 9.75
CA LYS B 2 29.72 -13.94 9.01
C LYS B 2 28.66 -13.61 10.06
N GLY B 3 28.23 -12.34 10.09
CA GLY B 3 27.23 -11.91 11.05
C GLY B 3 25.87 -12.46 10.66
N SER B 4 24.90 -12.31 11.54
CA SER B 4 23.56 -12.79 11.27
C SER B 4 22.76 -11.70 10.58
N VAL B 5 21.75 -12.10 9.83
CA VAL B 5 20.86 -11.15 9.16
C VAL B 5 19.99 -10.64 10.31
N VAL B 6 19.84 -9.32 10.42
CA VAL B 6 19.07 -8.71 11.49
C VAL B 6 17.87 -7.95 10.93
N ILE B 7 16.72 -8.16 11.56
CA ILE B 7 15.48 -7.49 11.18
C ILE B 7 15.55 -6.06 11.70
N VAL B 8 15.61 -5.09 10.79
CA VAL B 8 15.66 -3.68 11.19
C VAL B 8 14.33 -2.94 11.01
N GLY B 9 13.33 -3.64 10.50
CA GLY B 9 12.05 -3.00 10.29
C GLY B 9 11.03 -4.03 9.89
N ARG B 10 9.84 -3.56 9.51
CA ARG B 10 8.75 -4.43 9.11
C ARG B 10 7.81 -3.70 8.18
N ILE B 11 7.10 -4.47 7.36
CA ILE B 11 6.13 -3.91 6.45
C ILE B 11 4.86 -4.66 6.81
N VAL B 12 3.77 -3.93 7.05
CA VAL B 12 2.54 -4.58 7.42
C VAL B 12 1.43 -4.39 6.39
N LEU B 13 0.90 -5.50 5.92
CA LEU B 13 -0.16 -5.49 4.91
C LEU B 13 -1.52 -5.70 5.54
N SER B 14 -1.55 -6.29 6.73
CA SER B 14 -2.80 -6.59 7.40
C SER B 14 -3.57 -5.39 7.93
N GLY B 15 -3.00 -4.20 7.78
CA GLY B 15 -3.68 -3.02 8.26
C GLY B 15 -4.81 -2.65 7.33
N LYS B 16 -5.94 -2.27 7.88
CA LYS B 16 -7.09 -1.86 7.10
C LYS B 16 -7.31 -0.42 7.47
N PRO B 17 -7.90 0.39 6.58
CA PRO B 17 -8.14 1.80 6.87
C PRO B 17 -8.68 2.06 8.27
N ALA B 18 -8.14 3.09 8.91
CA ALA B 18 -8.57 3.44 10.26
C ALA B 18 -8.54 4.94 10.41
N ILE B 19 -9.38 5.43 11.32
CA ILE B 19 -9.46 6.85 11.59
C ILE B 19 -8.40 7.15 12.61
N ILE B 20 -7.31 7.79 12.18
CA ILE B 20 -6.19 8.11 13.06
C ILE B 20 -6.70 8.73 14.35
N PRO B 21 -6.51 8.04 15.49
CA PRO B 21 -6.99 8.59 16.75
C PRO B 21 -6.27 9.86 17.20
N LYS B 22 -6.89 10.57 18.11
CA LYS B 22 -6.34 11.80 18.65
C LYS B 22 -5.74 11.51 20.01
N LYS B 23 -4.66 12.22 20.35
CA LYS B 23 -3.98 12.05 21.63
C LYS B 23 -3.82 13.40 22.34
N VAL C 40 1.89 9.38 12.35
CA VAL C 40 1.16 8.71 11.24
C VAL C 40 0.58 9.82 10.37
N GLU C 41 0.34 9.52 9.11
CA GLU C 41 -0.22 10.49 8.19
C GLU C 41 -1.47 9.96 7.53
N GLY C 42 -2.37 10.87 7.20
CA GLY C 42 -3.61 10.48 6.55
C GLY C 42 -3.71 10.90 5.10
N GLU C 43 -4.33 10.06 4.28
CA GLU C 43 -4.52 10.36 2.87
C GLU C 43 -5.88 11.00 2.69
N VAL C 44 -6.81 10.64 3.56
CA VAL C 44 -8.18 11.14 3.52
C VAL C 44 -8.45 12.03 4.71
N GLN C 45 -9.00 13.20 4.46
CA GLN C 45 -9.33 14.13 5.52
C GLN C 45 -10.84 14.13 5.71
N ILE C 46 -11.26 14.17 6.96
CA ILE C 46 -12.69 14.24 7.26
C ILE C 46 -12.93 15.72 7.54
N VAL C 47 -13.52 16.44 6.60
CA VAL C 47 -13.77 17.86 6.77
C VAL C 47 -15.23 18.20 6.98
N SER C 48 -15.49 19.37 7.57
CA SER C 48 -16.85 19.81 7.81
C SER C 48 -16.97 21.32 7.64
N THR C 49 -18.15 21.73 7.20
CA THR C 49 -18.50 23.13 7.01
C THR C 49 -19.56 23.40 8.08
N ALA C 50 -20.22 24.55 8.01
CA ALA C 50 -21.26 24.88 8.99
C ALA C 50 -22.52 24.04 8.81
N THR C 51 -22.74 23.59 7.58
CA THR C 51 -23.92 22.82 7.27
C THR C 51 -23.73 21.32 7.10
N GLN C 52 -22.65 20.90 6.45
CA GLN C 52 -22.43 19.47 6.25
C GLN C 52 -21.02 19.00 6.56
N THR C 53 -20.82 17.69 6.41
CA THR C 53 -19.54 17.05 6.66
C THR C 53 -19.32 16.10 5.52
N PHE C 54 -18.07 15.96 5.12
CA PHE C 54 -17.71 15.08 4.03
C PHE C 54 -16.20 14.78 4.13
N LEU C 55 -15.65 14.19 3.07
CA LEU C 55 -14.24 13.85 3.05
C LEU C 55 -13.48 14.65 1.99
N ALA C 56 -12.17 14.55 2.05
CA ALA C 56 -11.28 15.20 1.11
C ALA C 56 -10.18 14.15 0.98
N THR C 57 -9.58 14.06 -0.21
CA THR C 57 -8.53 13.06 -0.47
C THR C 57 -7.33 13.71 -1.12
N CYS C 58 -6.18 13.60 -0.47
CA CYS C 58 -4.95 14.15 -1.00
C CYS C 58 -4.44 13.24 -2.11
N ILE C 59 -4.36 13.78 -3.34
CA ILE C 59 -3.87 13.03 -4.50
C ILE C 59 -2.93 13.97 -5.24
N ASN C 60 -1.68 13.54 -5.34
CA ASN C 60 -0.63 14.30 -6.00
C ASN C 60 -0.31 15.66 -5.39
N GLY C 61 -0.30 15.73 -4.06
CA GLY C 61 0.05 16.97 -3.38
C GLY C 61 -1.08 17.97 -3.19
N VAL C 62 -2.21 17.70 -3.81
CA VAL C 62 -3.37 18.58 -3.69
C VAL C 62 -4.43 17.86 -2.86
N CYS C 63 -5.19 18.64 -2.09
CA CYS C 63 -6.27 18.12 -1.27
C CYS C 63 -7.55 18.39 -2.04
N TRP C 64 -8.14 17.35 -2.61
CA TRP C 64 -9.35 17.47 -3.40
C TRP C 64 -10.59 17.07 -2.62
N THR C 65 -11.73 17.50 -3.12
CA THR C 65 -13.04 17.18 -2.53
C THR C 65 -14.07 17.69 -3.54
N VAL C 66 -15.33 17.57 -3.15
CA VAL C 66 -16.43 17.99 -4.00
C VAL C 66 -16.92 19.42 -3.78
N TYR C 67 -17.11 20.14 -4.89
CA TYR C 67 -17.60 21.52 -4.89
C TYR C 67 -18.97 21.59 -4.22
N HIS C 68 -19.74 20.52 -4.34
CA HIS C 68 -21.07 20.50 -3.72
C HIS C 68 -20.97 20.51 -2.21
N GLY C 69 -19.77 20.31 -1.71
CA GLY C 69 -19.55 20.30 -0.27
C GLY C 69 -18.79 21.54 0.15
N ALA C 70 -17.71 21.84 -0.55
CA ALA C 70 -16.86 22.99 -0.23
C ALA C 70 -17.28 24.31 -0.85
N GLY C 71 -17.80 24.25 -2.08
CA GLY C 71 -18.18 25.45 -2.77
C GLY C 71 -16.86 26.03 -3.22
N THR C 72 -16.57 27.26 -2.82
CA THR C 72 -15.30 27.87 -3.17
C THR C 72 -14.59 28.26 -1.88
N ARG C 73 -15.14 27.73 -0.79
CA ARG C 73 -14.69 27.95 0.57
C ARG C 73 -13.20 27.68 0.73
N THR C 74 -12.56 28.42 1.62
CA THR C 74 -11.14 28.25 1.87
C THR C 74 -11.03 27.22 2.97
N ILE C 75 -9.87 26.58 3.10
CA ILE C 75 -9.70 25.58 4.16
C ILE C 75 -8.89 26.19 5.31
N ALA C 76 -9.28 25.84 6.53
CA ALA C 76 -8.63 26.36 7.73
C ALA C 76 -7.18 25.92 7.83
N SER C 77 -6.38 26.69 8.57
CA SER C 77 -4.96 26.41 8.81
C SER C 77 -4.51 27.18 10.07
N PRO C 78 -3.42 26.72 10.74
CA PRO C 78 -2.91 27.38 11.95
C PRO C 78 -2.36 28.76 11.63
N LYS C 79 -2.11 28.99 10.35
CA LYS C 79 -1.59 30.25 9.84
C LYS C 79 -2.68 31.01 9.08
N GLY C 80 -3.92 30.59 9.24
CA GLY C 80 -4.99 31.27 8.55
C GLY C 80 -5.61 30.53 7.38
N PRO C 81 -6.67 31.09 6.80
CA PRO C 81 -7.39 30.52 5.66
C PRO C 81 -6.56 30.41 4.41
N VAL C 82 -6.43 29.20 3.88
CA VAL C 82 -5.69 29.00 2.65
C VAL C 82 -6.74 28.74 1.57
N ILE C 83 -6.67 29.52 0.49
CA ILE C 83 -7.63 29.39 -0.60
C ILE C 83 -7.37 28.20 -1.53
N GLN C 84 -8.40 27.83 -2.28
CA GLN C 84 -8.33 26.73 -3.22
C GLN C 84 -7.31 27.08 -4.30
N MET C 85 -6.83 26.07 -5.00
CA MET C 85 -5.88 26.29 -6.09
C MET C 85 -6.49 25.74 -7.40
N TYR C 86 -7.59 25.02 -7.28
CA TYR C 86 -8.33 24.47 -8.41
C TYR C 86 -9.80 24.51 -8.01
N THR C 87 -10.70 24.69 -8.97
CA THR C 87 -12.13 24.74 -8.71
C THR C 87 -12.95 24.36 -9.96
N ASN C 88 -12.89 23.09 -10.34
CA ASN C 88 -13.62 22.61 -11.51
C ASN C 88 -15.10 22.43 -11.14
N VAL C 89 -15.82 23.55 -11.14
CA VAL C 89 -17.24 23.58 -10.78
C VAL C 89 -18.03 22.57 -11.61
N ASP C 90 -17.71 22.47 -12.88
CA ASP C 90 -18.37 21.53 -13.80
C ASP C 90 -18.30 20.10 -13.29
N GLN C 91 -17.09 19.65 -13.00
CA GLN C 91 -16.85 18.30 -12.52
C GLN C 91 -17.03 18.10 -11.01
N ASP C 92 -17.68 19.06 -10.35
CA ASP C 92 -17.94 18.98 -8.90
C ASP C 92 -16.63 18.74 -8.14
N LEU C 93 -15.56 19.35 -8.62
CA LEU C 93 -14.22 19.18 -8.06
C LEU C 93 -13.51 20.48 -7.64
N VAL C 94 -12.93 20.48 -6.44
CA VAL C 94 -12.17 21.62 -5.94
C VAL C 94 -10.88 21.04 -5.37
N GLY C 95 -9.90 21.89 -5.08
CA GLY C 95 -8.66 21.39 -4.52
C GLY C 95 -7.83 22.50 -3.93
N TRP C 96 -7.37 22.28 -2.70
CA TRP C 96 -6.50 23.23 -1.99
C TRP C 96 -5.15 22.52 -1.86
N PRO C 97 -4.14 23.20 -1.30
CA PRO C 97 -2.84 22.55 -1.14
C PRO C 97 -3.02 21.49 -0.05
N ALA C 98 -2.39 20.32 -0.19
CA ALA C 98 -2.50 19.27 0.81
C ALA C 98 -2.16 19.86 2.17
N PRO C 99 -3.02 19.64 3.19
CA PRO C 99 -2.86 20.14 4.56
C PRO C 99 -1.81 19.42 5.38
N GLN C 100 -1.77 19.73 6.68
CA GLN C 100 -0.81 19.11 7.59
C GLN C 100 -1.30 17.77 8.09
N GLY C 101 -0.35 16.88 8.35
CA GLY C 101 -0.69 15.54 8.83
C GLY C 101 -1.22 14.69 7.70
N SER C 102 -0.89 15.06 6.46
CA SER C 102 -1.38 14.33 5.31
C SER C 102 -0.30 13.71 4.45
N ARG C 103 -0.71 12.76 3.62
CA ARG C 103 0.15 12.07 2.69
C ARG C 103 -0.70 11.79 1.49
N SER C 104 -0.14 11.98 0.30
CA SER C 104 -0.87 11.78 -0.94
C SER C 104 -0.99 10.34 -1.42
N LEU C 105 -2.08 10.08 -2.14
CA LEU C 105 -2.37 8.81 -2.77
C LEU C 105 -1.78 8.87 -4.16
N THR C 106 -1.63 7.70 -4.78
CA THR C 106 -1.08 7.64 -6.12
C THR C 106 -2.18 7.35 -7.12
N PRO C 107 -2.10 7.94 -8.31
CA PRO C 107 -3.15 7.65 -9.29
C PRO C 107 -3.08 6.17 -9.70
N CYS C 108 -4.15 5.62 -10.26
CA CYS C 108 -4.10 4.22 -10.67
C CYS C 108 -3.61 4.16 -12.12
N THR C 109 -2.71 3.21 -12.41
CA THR C 109 -2.15 3.00 -13.75
C THR C 109 -2.41 1.57 -14.25
N CYS C 110 -3.13 0.78 -13.46
CA CYS C 110 -3.42 -0.62 -13.77
C CYS C 110 -4.75 -0.84 -14.45
N GLY C 111 -5.59 0.19 -14.54
CA GLY C 111 -6.87 0.03 -15.20
C GLY C 111 -7.94 -0.81 -14.50
N SER C 112 -7.53 -1.67 -13.55
CA SER C 112 -8.47 -2.53 -12.82
C SER C 112 -9.83 -1.93 -12.50
N SER C 113 -10.87 -2.70 -12.82
CA SER C 113 -12.25 -2.33 -12.60
C SER C 113 -12.78 -2.84 -11.26
N ASP C 114 -11.86 -3.29 -10.41
CA ASP C 114 -12.24 -3.78 -9.09
C ASP C 114 -11.89 -2.71 -8.08
N LEU C 115 -12.76 -1.71 -8.01
CA LEU C 115 -12.61 -0.58 -7.11
C LEU C 115 -13.02 -0.90 -5.68
N TYR C 116 -12.62 0.00 -4.77
CA TYR C 116 -12.93 -0.11 -3.35
C TYR C 116 -13.12 1.31 -2.84
N LEU C 117 -14.27 1.56 -2.23
CA LEU C 117 -14.60 2.88 -1.70
C LEU C 117 -14.33 2.98 -0.20
N VAL C 118 -13.74 4.09 0.25
CA VAL C 118 -13.46 4.27 1.68
C VAL C 118 -14.46 5.32 2.17
N THR C 119 -15.17 5.00 3.25
CA THR C 119 -16.20 5.88 3.79
C THR C 119 -15.61 6.79 4.85
N ARG C 120 -16.43 7.68 5.40
CA ARG C 120 -15.99 8.61 6.45
C ARG C 120 -15.80 7.87 7.76
N HIS C 121 -16.17 6.59 7.77
CA HIS C 121 -16.04 5.77 8.95
C HIS C 121 -14.90 4.78 8.78
N ALA C 122 -14.19 4.88 7.68
CA ALA C 122 -13.08 3.98 7.38
C ALA C 122 -13.59 2.60 7.00
N ASP C 123 -14.61 2.57 6.15
CA ASP C 123 -15.17 1.31 5.67
C ASP C 123 -14.80 1.19 4.21
N VAL C 124 -14.35 0.00 3.79
CA VAL C 124 -14.02 -0.23 2.40
C VAL C 124 -15.21 -0.99 1.82
N ILE C 125 -15.75 -0.49 0.73
CA ILE C 125 -16.91 -1.08 0.07
C ILE C 125 -16.49 -1.50 -1.32
N PRO C 126 -16.52 -2.81 -1.60
CA PRO C 126 -16.11 -3.26 -2.94
C PRO C 126 -17.08 -2.71 -4.00
N VAL C 127 -16.54 -2.18 -5.09
CA VAL C 127 -17.32 -1.58 -6.16
C VAL C 127 -16.81 -1.98 -7.54
N ARG C 128 -17.68 -2.57 -8.36
CA ARG C 128 -17.29 -2.98 -9.70
C ARG C 128 -17.54 -1.81 -10.64
N ARG C 129 -16.48 -1.40 -11.35
CA ARG C 129 -16.55 -0.28 -12.27
C ARG C 129 -17.38 -0.57 -13.52
N ARG C 130 -18.24 0.38 -13.89
CA ARG C 130 -19.11 0.26 -15.05
C ARG C 130 -18.86 1.34 -16.11
N GLY C 131 -17.98 2.29 -15.81
CA GLY C 131 -17.70 3.35 -16.77
C GLY C 131 -16.80 4.44 -16.21
N ASP C 132 -16.41 5.37 -17.07
CA ASP C 132 -15.53 6.48 -16.68
C ASP C 132 -15.80 7.05 -15.30
N SER C 133 -17.05 7.30 -14.98
CA SER C 133 -17.38 7.89 -13.71
C SER C 133 -18.44 7.16 -12.90
N ARG C 134 -18.54 5.86 -13.10
CA ARG C 134 -19.54 5.12 -12.35
C ARG C 134 -19.17 3.67 -12.12
N GLY C 135 -19.63 3.14 -10.99
CA GLY C 135 -19.36 1.76 -10.63
C GLY C 135 -20.48 1.33 -9.72
N SER C 136 -20.74 0.03 -9.63
CA SER C 136 -21.80 -0.47 -8.77
C SER C 136 -21.30 -1.26 -7.57
N LEU C 137 -21.91 -1.01 -6.42
CA LEU C 137 -21.52 -1.70 -5.20
C LEU C 137 -21.78 -3.18 -5.42
N LEU C 138 -20.91 -4.03 -4.90
CA LEU C 138 -21.07 -5.47 -5.04
C LEU C 138 -22.05 -5.98 -4.00
N SER C 139 -22.42 -5.07 -3.10
CA SER C 139 -23.36 -5.35 -2.04
C SER C 139 -23.92 -3.98 -1.72
N PRO C 140 -25.13 -3.68 -2.23
CA PRO C 140 -25.77 -2.39 -1.98
C PRO C 140 -25.97 -2.13 -0.50
N ARG C 141 -25.80 -0.87 -0.11
CA ARG C 141 -25.94 -0.48 1.27
C ARG C 141 -26.92 0.68 1.37
N PRO C 142 -27.62 0.79 2.51
CA PRO C 142 -28.58 1.89 2.70
C PRO C 142 -27.80 3.21 2.61
N ILE C 143 -28.34 4.18 1.90
CA ILE C 143 -27.68 5.46 1.69
C ILE C 143 -26.97 6.08 2.90
N SER C 144 -27.46 5.76 4.10
CA SER C 144 -26.87 6.27 5.34
C SER C 144 -25.43 5.79 5.50
N TYR C 145 -25.20 4.54 5.11
CA TYR C 145 -23.89 3.93 5.18
C TYR C 145 -22.86 4.65 4.33
N LEU C 146 -23.33 5.43 3.34
CA LEU C 146 -22.44 6.17 2.47
C LEU C 146 -22.45 7.67 2.73
N LYS C 147 -23.37 8.11 3.60
CA LYS C 147 -23.49 9.53 3.94
C LYS C 147 -22.18 10.11 4.47
N GLY C 148 -21.91 11.35 4.07
CA GLY C 148 -20.72 12.06 4.51
C GLY C 148 -19.40 11.53 3.97
N SER C 149 -19.44 10.69 2.94
CA SER C 149 -18.21 10.15 2.39
C SER C 149 -17.79 10.79 1.09
N SER C 150 -18.54 11.80 0.64
CA SER C 150 -18.22 12.49 -0.62
C SER C 150 -16.80 13.00 -0.51
N GLY C 151 -16.08 13.05 -1.61
CA GLY C 151 -14.71 13.52 -1.56
C GLY C 151 -13.76 12.37 -1.27
N GLY C 152 -14.29 11.29 -0.67
CA GLY C 152 -13.48 10.12 -0.38
C GLY C 152 -12.90 9.50 -1.65
N PRO C 153 -12.02 8.49 -1.54
CA PRO C 153 -11.46 7.92 -2.77
C PRO C 153 -11.99 6.56 -3.27
N LEU C 154 -11.77 6.31 -4.56
CA LEU C 154 -12.14 5.04 -5.17
C LEU C 154 -10.76 4.44 -5.42
N LEU C 155 -10.44 3.35 -4.72
CA LEU C 155 -9.13 2.67 -4.81
C LEU C 155 -9.15 1.39 -5.64
N CYS C 156 -8.06 1.14 -6.34
CA CYS C 156 -7.93 -0.08 -7.14
C CYS C 156 -7.35 -1.18 -6.24
N PRO C 157 -7.15 -2.42 -6.77
CA PRO C 157 -6.61 -3.51 -5.95
C PRO C 157 -5.28 -3.19 -5.27
N ALA C 158 -4.59 -2.16 -5.74
CA ALA C 158 -3.30 -1.78 -5.19
C ALA C 158 -3.42 -0.59 -4.24
N GLY C 159 -4.64 -0.25 -3.88
CA GLY C 159 -4.86 0.88 -2.99
C GLY C 159 -4.51 2.23 -3.58
N HIS C 160 -4.51 2.34 -4.91
CA HIS C 160 -4.21 3.60 -5.60
C HIS C 160 -5.48 4.29 -6.05
N ALA C 161 -5.48 5.62 -6.01
CA ALA C 161 -6.60 6.46 -6.38
C ALA C 161 -7.09 6.33 -7.82
N VAL C 162 -8.26 5.74 -7.97
CA VAL C 162 -8.90 5.56 -9.28
C VAL C 162 -9.80 6.75 -9.57
N GLY C 163 -10.50 7.24 -8.54
CA GLY C 163 -11.38 8.37 -8.70
C GLY C 163 -11.72 8.94 -7.33
N LEU C 164 -12.57 9.95 -7.31
CA LEU C 164 -12.97 10.60 -6.08
C LEU C 164 -14.48 10.48 -6.00
N PHE C 165 -14.97 9.81 -4.97
CA PHE C 165 -16.41 9.59 -4.79
C PHE C 165 -17.19 10.90 -4.90
N ARG C 166 -18.02 11.02 -5.94
CA ARG C 166 -18.81 12.23 -6.20
C ARG C 166 -20.22 12.24 -5.57
N ALA C 167 -20.99 11.17 -5.77
CA ALA C 167 -22.34 11.07 -5.21
C ALA C 167 -22.89 9.65 -5.30
N ALA C 168 -23.72 9.26 -4.33
CA ALA C 168 -24.32 7.93 -4.32
C ALA C 168 -25.56 7.86 -5.20
N VAL C 169 -25.73 6.74 -5.90
CA VAL C 169 -26.88 6.50 -6.79
C VAL C 169 -27.83 5.56 -6.04
N CYS C 170 -28.89 6.14 -5.48
CA CYS C 170 -29.85 5.40 -4.66
C CYS C 170 -31.19 5.06 -5.28
N THR C 171 -31.57 3.80 -5.16
CA THR C 171 -32.85 3.33 -5.66
C THR C 171 -33.69 2.99 -4.43
N ARG C 172 -34.38 4.01 -3.93
CA ARG C 172 -35.25 3.87 -2.75
C ARG C 172 -34.48 3.75 -1.43
N GLY C 173 -33.45 4.58 -1.29
CA GLY C 173 -32.66 4.56 -0.06
C GLY C 173 -31.59 3.49 0.01
N VAL C 174 -31.46 2.69 -1.04
CA VAL C 174 -30.46 1.64 -1.09
C VAL C 174 -29.49 2.04 -2.17
N ALA C 175 -28.28 2.38 -1.77
CA ALA C 175 -27.29 2.76 -2.74
C ALA C 175 -26.71 1.49 -3.35
N LYS C 176 -26.95 1.31 -4.65
CA LYS C 176 -26.46 0.15 -5.39
C LYS C 176 -25.23 0.54 -6.22
N ALA C 177 -25.05 1.84 -6.43
CA ALA C 177 -23.92 2.33 -7.21
C ALA C 177 -23.50 3.73 -6.76
N VAL C 178 -22.40 4.21 -7.33
CA VAL C 178 -21.90 5.54 -7.00
C VAL C 178 -21.37 6.25 -8.23
N ASP C 179 -21.32 7.58 -8.13
CA ASP C 179 -20.85 8.47 -9.18
C ASP C 179 -19.48 8.98 -8.71
N PHE C 180 -18.46 8.97 -9.56
CA PHE C 180 -17.14 9.43 -9.13
C PHE C 180 -16.38 10.22 -10.18
N ILE C 181 -15.46 11.07 -9.74
CA ILE C 181 -14.63 11.91 -10.61
C ILE C 181 -13.32 11.16 -10.90
N PRO C 182 -13.18 10.61 -12.12
CA PRO C 182 -11.95 9.89 -12.47
C PRO C 182 -10.71 10.69 -12.12
N VAL C 183 -9.74 10.03 -11.51
CA VAL C 183 -8.50 10.68 -11.11
C VAL C 183 -7.86 11.45 -12.25
N GLU C 184 -8.02 10.94 -13.46
CA GLU C 184 -7.47 11.57 -14.65
C GLU C 184 -7.93 13.03 -14.74
N ASN C 185 -9.19 13.29 -14.43
CA ASN C 185 -9.73 14.65 -14.49
C ASN C 185 -8.99 15.56 -13.52
N LEU C 186 -8.61 15.03 -12.37
CA LEU C 186 -7.88 15.80 -11.39
C LEU C 186 -6.49 16.06 -11.95
N GLU C 187 -5.94 15.07 -12.64
CA GLU C 187 -4.61 15.19 -13.24
C GLU C 187 -4.64 16.22 -14.36
N THR C 188 -5.83 16.53 -14.85
CA THR C 188 -6.00 17.49 -15.92
C THR C 188 -6.19 18.90 -15.37
N THR C 189 -6.84 18.99 -14.21
CA THR C 189 -7.09 20.27 -13.56
C THR C 189 -5.77 20.86 -13.06
N MET C 190 -4.77 20.00 -12.88
CA MET C 190 -3.44 20.41 -12.43
C MET C 190 -2.63 20.89 -13.62
N GLY D 3 -17.87 30.83 5.43
CA GLY D 3 -17.12 30.08 6.49
C GLY D 3 -15.87 29.46 5.90
N SER D 4 -15.25 28.56 6.67
CA SER D 4 -14.05 27.87 6.22
C SER D 4 -14.31 26.37 6.38
N VAL D 5 -13.60 25.59 5.58
CA VAL D 5 -13.71 24.14 5.65
C VAL D 5 -12.69 23.70 6.69
N VAL D 6 -13.13 22.92 7.67
CA VAL D 6 -12.25 22.48 8.73
C VAL D 6 -12.08 20.96 8.86
N ILE D 7 -10.85 20.54 8.99
CA ILE D 7 -10.54 19.12 9.14
C ILE D 7 -10.87 18.72 10.55
N VAL D 8 -11.85 17.84 10.67
CA VAL D 8 -12.32 17.37 11.95
C VAL D 8 -11.78 16.00 12.35
N GLY D 9 -11.06 15.37 11.45
CA GLY D 9 -10.49 14.06 11.73
C GLY D 9 -9.69 13.58 10.54
N ARG D 10 -8.93 12.49 10.70
CA ARG D 10 -8.11 11.96 9.62
C ARG D 10 -8.20 10.45 9.58
N ILE D 11 -8.04 9.91 8.38
CA ILE D 11 -8.07 8.48 8.13
C ILE D 11 -6.80 8.04 7.41
N VAL D 12 -6.14 7.02 7.96
CA VAL D 12 -4.92 6.44 7.39
C VAL D 12 -5.31 5.12 6.71
N LEU D 13 -5.18 5.09 5.39
CA LEU D 13 -5.54 3.92 4.59
C LEU D 13 -4.81 2.62 4.92
N SER D 14 -3.53 2.72 5.29
CA SER D 14 -2.74 1.54 5.60
C SER D 14 -3.07 0.95 6.94
N GLY D 15 -3.72 1.74 7.79
CA GLY D 15 -4.06 1.25 9.13
C GLY D 15 -2.88 1.40 10.08
N LYS D 16 -1.85 2.11 9.61
CA LYS D 16 -0.63 2.35 10.37
C LYS D 16 -0.84 2.95 11.76
N PRO D 17 -0.66 2.15 12.81
CA PRO D 17 -0.82 2.63 14.17
C PRO D 17 0.21 3.72 14.49
N ALA D 18 1.48 3.33 14.49
CA ALA D 18 2.63 4.21 14.76
C ALA D 18 2.41 5.31 15.84
#